data_2GVF
#
_entry.id   2GVF
#
_cell.length_a   224.615
_cell.length_b   224.615
_cell.length_c   75.321
_cell.angle_alpha   90.00
_cell.angle_beta   90.00
_cell.angle_gamma   120.00
#
_symmetry.space_group_name_H-M   'H 3 2'
#
loop_
_entity.id
_entity.type
_entity.pdbx_description
1 polymer polyprotein
2 polymer Polyprotein
3 non-polymer 'ZINC ION'
4 non-polymer (6R,8S,11S)-11-CYCLOHEXYL-N-(1-{[(2-{[(1S)-2-(DIMETHYLAMINO)-2-OXO-1-PHENYLETHYL]AMINO}-2-OXOETHYL)AMINO](OXO)ACETYL}BUTYL)-10,13-DIOXO-2,5-DIOXA-9,12-DIAZATRICYCLO[14.3.1.1~6,9~]HENICOSA-1(20),16,18-TRIENE-8-CARBOXAMIDE
5 water water
#
loop_
_entity_poly.entity_id
_entity_poly.type
_entity_poly.pdbx_seq_one_letter_code
_entity_poly.pdbx_strand_id
1 'polypeptide(L)'
;ASMTGGQQMGAPITAYAQQTRGLLGCIITSLTGRDKNQVEGEVQIVSTATQTFLATCINGVCWTVYHGAGTRTIASPKGP
VIQMYTNVDQDLVGWPAPQGSRSLTPCTCGSSDLYLVTRHADVIPVRRRGDSRGSLLSPRPISYLKGSSGGPLLCPAGHA
VGLFRAAVCTRGVAKAVDFIPVENLETTMRSGSHHHHHH
;
A,C
2 'polypeptide(L)' KKGSVVIVGRIVLSGKPAIIPKK B,D
#
loop_
_chem_comp.id
_chem_comp.type
_chem_comp.name
_chem_comp.formula
NHN non-polymer (6R,8S,11S)-11-CYCLOHEXYL-N-(1-{[(2-{[(1S)-2-(DIMETHYLAMINO)-2-OXO-1-PHENYLETHYL]AMINO}-2-OXOETHYL)AMINO](OXO)ACETYL}BUTYL)-10,13-DIOXO-2,5-DIOXA-9,12-DIAZATRICYCLO[14.3.1.1~6,9~]HENICOSA-1(20),16,18-TRIENE-8-CARBOXAMIDE 'C42 H56 N6 O9'
ZN non-polymer 'ZINC ION' 'Zn 2'
#
# COMPACT_ATOMS: atom_id res chain seq x y z
N MET A 9 0.43 -8.34 -1.41
CA MET A 9 1.64 -9.09 -0.94
C MET A 9 2.45 -9.62 -2.13
N GLY A 10 3.78 -9.57 -2.02
CA GLY A 10 4.62 -10.05 -3.09
C GLY A 10 4.85 -8.95 -4.11
N ALA A 11 4.27 -9.11 -5.30
CA ALA A 11 4.39 -8.17 -6.42
C ALA A 11 4.36 -6.69 -5.99
N PRO A 12 3.30 -5.88 -6.33
CA PRO A 12 3.51 -4.54 -5.79
C PRO A 12 2.98 -4.53 -4.35
N ILE A 13 3.66 -3.83 -3.45
CA ILE A 13 3.23 -3.75 -2.06
C ILE A 13 2.04 -2.80 -1.92
N THR A 14 0.90 -3.34 -1.50
CA THR A 14 -0.30 -2.56 -1.27
C THR A 14 -0.82 -2.99 0.09
N ALA A 15 -1.42 -2.07 0.82
CA ALA A 15 -1.93 -2.39 2.15
C ALA A 15 -3.20 -1.64 2.48
N TYR A 16 -3.99 -2.19 3.40
CA TYR A 16 -5.20 -1.53 3.84
C TYR A 16 -5.38 -1.66 5.34
N ALA A 17 -5.98 -0.64 5.94
CA ALA A 17 -6.21 -0.62 7.37
C ALA A 17 -7.69 -0.80 7.71
N GLN A 18 -7.96 -1.45 8.84
CA GLN A 18 -9.30 -1.66 9.33
C GLN A 18 -9.30 -1.45 10.85
N GLN A 19 -10.16 -0.57 11.34
CA GLN A 19 -10.27 -0.34 12.77
C GLN A 19 -11.18 -1.42 13.33
N THR A 20 -10.84 -1.94 14.51
CA THR A 20 -11.63 -3.00 15.12
C THR A 20 -12.17 -2.71 16.53
N ARG A 21 -11.68 -1.65 17.18
CA ARG A 21 -12.14 -1.31 18.53
C ARG A 21 -12.15 0.17 18.73
N GLY A 22 -13.07 0.60 19.57
CA GLY A 22 -13.19 2.02 19.89
C GLY A 22 -12.50 2.37 21.18
N LEU A 23 -12.59 3.65 21.58
CA LEU A 23 -11.96 4.13 22.80
C LEU A 23 -12.44 3.42 24.07
N LEU A 24 -13.76 3.33 24.26
CA LEU A 24 -14.28 2.67 25.45
C LEU A 24 -14.00 1.16 25.42
N GLY A 25 -14.13 0.55 24.25
CA GLY A 25 -13.90 -0.88 24.13
C GLY A 25 -12.45 -1.24 24.36
N CYS A 26 -11.56 -0.36 23.92
CA CYS A 26 -10.14 -0.58 24.10
C CYS A 26 -9.80 -0.51 25.59
N ILE A 27 -10.29 0.53 26.28
CA ILE A 27 -10.03 0.69 27.71
C ILE A 27 -10.49 -0.50 28.54
N ILE A 28 -11.70 -0.98 28.30
CA ILE A 28 -12.20 -2.13 29.03
C ILE A 28 -11.33 -3.35 28.78
N THR A 29 -10.95 -3.56 27.52
CA THR A 29 -10.12 -4.70 27.13
C THR A 29 -8.73 -4.61 27.71
N SER A 30 -8.21 -3.39 27.83
CA SER A 30 -6.88 -3.18 28.37
C SER A 30 -6.85 -3.62 29.81
N LEU A 31 -7.93 -3.32 30.53
CA LEU A 31 -8.04 -3.69 31.94
C LEU A 31 -8.40 -5.16 32.15
N THR A 32 -9.37 -5.67 31.42
CA THR A 32 -9.75 -7.07 31.58
C THR A 32 -8.67 -7.99 31.01
N GLY A 33 -7.95 -7.49 30.02
CA GLY A 33 -6.89 -8.25 29.38
C GLY A 33 -7.43 -9.39 28.55
N ARG A 34 -8.71 -9.34 28.21
CA ARG A 34 -9.30 -10.42 27.43
C ARG A 34 -9.95 -9.86 26.18
N ASP A 35 -9.36 -10.15 25.02
CA ASP A 35 -9.86 -9.67 23.74
C ASP A 35 -10.46 -10.82 23.00
N LYS A 36 -11.76 -10.74 22.71
CA LYS A 36 -12.46 -11.79 21.99
C LYS A 36 -12.54 -11.54 20.46
N ASN A 37 -12.16 -10.36 20.00
CA ASN A 37 -12.20 -10.01 18.57
C ASN A 37 -11.33 -10.91 17.68
N GLN A 38 -11.72 -11.03 16.41
CA GLN A 38 -10.98 -11.86 15.45
C GLN A 38 -9.78 -11.08 14.94
N VAL A 39 -8.66 -11.78 14.78
CA VAL A 39 -7.43 -11.17 14.30
C VAL A 39 -7.11 -11.61 12.88
N GLU A 40 -6.64 -10.65 12.08
CA GLU A 40 -6.26 -10.92 10.70
C GLU A 40 -5.16 -9.94 10.39
N GLY A 41 -4.37 -10.25 9.37
CA GLY A 41 -3.31 -9.35 8.97
C GLY A 41 -1.95 -9.64 9.51
N GLU A 42 -0.96 -8.88 9.00
CA GLU A 42 0.44 -9.06 9.39
C GLU A 42 0.86 -8.01 10.42
N VAL A 43 0.25 -6.84 10.34
CA VAL A 43 0.56 -5.74 11.24
C VAL A 43 -0.71 -5.40 12.04
N GLN A 44 -0.57 -5.33 13.34
CA GLN A 44 -1.69 -5.02 14.21
C GLN A 44 -1.48 -3.63 14.77
N ILE A 45 -2.53 -2.82 14.78
CA ILE A 45 -2.48 -1.47 15.33
C ILE A 45 -2.79 -1.71 16.80
N VAL A 46 -1.88 -1.33 17.68
CA VAL A 46 -2.10 -1.58 19.08
C VAL A 46 -2.04 -0.31 19.90
N SER A 47 -2.62 -0.36 21.09
CA SER A 47 -2.63 0.79 21.98
C SER A 47 -2.63 0.43 23.44
N THR A 48 -2.04 1.31 24.22
CA THR A 48 -1.99 1.19 25.67
C THR A 48 -2.97 2.29 26.06
N ALA A 49 -3.00 2.67 27.32
CA ALA A 49 -3.90 3.74 27.72
C ALA A 49 -3.23 5.09 27.50
N THR A 50 -1.96 5.04 27.13
CA THR A 50 -1.20 6.27 26.92
C THR A 50 -0.81 6.54 25.48
N GLN A 51 -0.69 5.49 24.66
CA GLN A 51 -0.29 5.68 23.28
C GLN A 51 -0.67 4.55 22.34
N THR A 52 -0.61 4.83 21.05
CA THR A 52 -0.95 3.86 20.03
C THR A 52 0.21 3.75 19.05
N PHE A 53 0.52 2.51 18.69
CA PHE A 53 1.61 2.21 17.78
C PHE A 53 1.25 0.96 16.96
N LEU A 54 2.25 0.28 16.42
CA LEU A 54 2.02 -0.92 15.61
C LEU A 54 2.84 -2.07 16.12
N ALA A 55 2.46 -3.29 15.74
CA ALA A 55 3.14 -4.50 16.15
C ALA A 55 3.08 -5.33 14.90
N THR A 56 4.21 -5.93 14.52
CA THR A 56 4.28 -6.71 13.30
C THR A 56 4.56 -8.16 13.58
N CYS A 57 3.85 -9.06 12.92
CA CYS A 57 4.06 -10.50 13.12
C CYS A 57 5.11 -11.02 12.14
N ILE A 58 6.21 -11.52 12.67
CA ILE A 58 7.27 -12.07 11.83
C ILE A 58 7.57 -13.45 12.39
N ASN A 59 7.53 -14.46 11.54
CA ASN A 59 7.81 -15.84 11.95
C ASN A 59 7.11 -16.34 13.23
N GLY A 60 5.82 -16.07 13.33
CA GLY A 60 5.05 -16.53 14.48
C GLY A 60 5.13 -15.73 15.74
N VAL A 61 5.81 -14.59 15.71
CA VAL A 61 5.95 -13.74 16.89
C VAL A 61 5.49 -12.33 16.56
N CYS A 62 4.72 -11.74 17.46
CA CYS A 62 4.20 -10.38 17.30
C CYS A 62 5.20 -9.48 18.01
N TRP A 63 5.96 -8.72 17.21
CA TRP A 63 7.01 -7.83 17.71
C TRP A 63 6.60 -6.39 17.69
N THR A 64 7.16 -5.61 18.60
CA THR A 64 6.88 -4.19 18.63
C THR A 64 7.98 -3.50 19.46
N VAL A 65 7.89 -2.17 19.59
CA VAL A 65 8.87 -1.40 20.34
C VAL A 65 8.62 -1.42 21.85
N TYR A 66 9.68 -1.58 22.62
CA TYR A 66 9.59 -1.59 24.07
C TYR A 66 9.20 -0.18 24.52
N HIS A 67 9.53 0.81 23.70
CA HIS A 67 9.20 2.21 23.96
C HIS A 67 7.68 2.38 24.01
N GLY A 68 6.99 1.52 23.27
CA GLY A 68 5.55 1.61 23.24
C GLY A 68 4.89 0.63 24.19
N ALA A 69 5.24 -0.64 24.05
CA ALA A 69 4.67 -1.70 24.87
C ALA A 69 5.28 -1.85 26.23
N GLY A 70 6.50 -1.34 26.40
CA GLY A 70 7.17 -1.49 27.67
C GLY A 70 7.26 -2.98 27.95
N THR A 71 6.81 -3.38 29.13
CA THR A 71 6.86 -4.80 29.47
C THR A 71 5.45 -5.38 29.70
N ARG A 72 4.43 -4.73 29.13
CA ARG A 72 3.03 -5.14 29.29
C ARG A 72 2.67 -6.45 28.62
N THR A 73 1.51 -6.98 29.02
CA THR A 73 0.96 -8.21 28.46
C THR A 73 0.06 -7.84 27.28
N ILE A 74 -0.22 -8.77 26.38
CA ILE A 74 -1.12 -8.43 25.28
C ILE A 74 -2.48 -9.08 25.53
N ALA A 75 -3.54 -8.29 25.46
CA ALA A 75 -4.89 -8.81 25.68
C ALA A 75 -5.22 -9.84 24.61
N SER A 76 -5.68 -11.02 25.04
CA SER A 76 -6.03 -12.08 24.10
C SER A 76 -7.34 -12.75 24.48
N PRO A 77 -7.87 -13.62 23.61
CA PRO A 77 -9.13 -14.28 23.94
C PRO A 77 -9.05 -15.18 25.16
N LYS A 78 -7.83 -15.43 25.64
CA LYS A 78 -7.63 -16.27 26.80
C LYS A 78 -7.09 -15.49 27.99
N GLY A 79 -7.24 -14.17 27.93
CA GLY A 79 -6.73 -13.37 29.03
C GLY A 79 -5.45 -12.70 28.56
N PRO A 80 -4.74 -11.98 29.45
CA PRO A 80 -3.50 -11.33 29.00
C PRO A 80 -2.43 -12.36 28.72
N VAL A 81 -1.53 -11.99 27.81
CA VAL A 81 -0.43 -12.88 27.45
C VAL A 81 0.91 -12.24 27.73
N ILE A 82 1.74 -12.97 28.47
CA ILE A 82 3.09 -12.53 28.84
C ILE A 82 3.99 -12.53 27.59
N GLN A 83 4.90 -11.58 27.53
CA GLN A 83 5.80 -11.46 26.38
C GLN A 83 6.73 -12.65 26.35
N MET A 84 7.16 -13.03 25.15
CA MET A 84 8.09 -14.13 25.00
C MET A 84 9.50 -13.58 25.10
N TYR A 85 9.69 -12.39 24.54
CA TYR A 85 10.99 -11.75 24.53
C TYR A 85 10.85 -10.28 24.93
N THR A 86 11.92 -9.74 25.48
CA THR A 86 11.97 -8.33 25.92
C THR A 86 13.43 -7.93 25.80
N ASN A 87 13.71 -6.81 25.12
CA ASN A 87 15.07 -6.36 24.93
C ASN A 87 15.11 -4.85 24.97
N VAL A 88 15.17 -4.32 26.18
CA VAL A 88 15.19 -2.88 26.42
C VAL A 88 16.20 -2.16 25.54
N ASP A 89 17.39 -2.72 25.44
CA ASP A 89 18.44 -2.10 24.67
C ASP A 89 18.15 -2.08 23.20
N GLN A 90 17.64 -3.19 22.67
CA GLN A 90 17.34 -3.24 21.25
C GLN A 90 16.00 -2.60 20.98
N ASP A 91 15.29 -2.28 22.07
CA ASP A 91 13.98 -1.64 22.02
C ASP A 91 12.92 -2.60 21.50
N LEU A 92 13.01 -3.87 21.87
CA LEU A 92 12.07 -4.88 21.39
C LEU A 92 11.31 -5.62 22.45
N VAL A 93 10.16 -6.14 22.05
CA VAL A 93 9.32 -6.98 22.89
C VAL A 93 8.56 -7.83 21.87
N GLY A 94 8.23 -9.05 22.24
CA GLY A 94 7.51 -9.93 21.36
C GLY A 94 6.63 -10.82 22.20
N TRP A 95 5.48 -11.19 21.65
CA TRP A 95 4.49 -12.05 22.31
C TRP A 95 4.17 -13.13 21.27
N PRO A 96 3.58 -14.26 21.67
CA PRO A 96 3.26 -15.25 20.62
C PRO A 96 2.29 -14.56 19.69
N ALA A 97 2.41 -14.80 18.38
CA ALA A 97 1.50 -14.13 17.45
C ALA A 97 0.08 -14.57 17.73
N PRO A 98 -0.86 -13.61 17.69
CA PRO A 98 -2.27 -13.88 17.94
C PRO A 98 -2.79 -14.93 16.97
N GLN A 99 -3.75 -15.75 17.40
CA GLN A 99 -4.32 -16.73 16.49
C GLN A 99 -5.15 -15.94 15.48
N GLY A 100 -4.82 -16.10 14.21
CA GLY A 100 -5.54 -15.39 13.18
C GLY A 100 -4.63 -14.53 12.35
N SER A 101 -3.55 -14.03 12.97
CA SER A 101 -2.60 -13.20 12.26
C SER A 101 -1.83 -14.05 11.26
N ARG A 102 -1.19 -13.37 10.31
CA ARG A 102 -0.36 -13.98 9.26
C ARG A 102 1.01 -13.34 9.45
N SER A 103 2.06 -14.14 9.39
CA SER A 103 3.41 -13.61 9.61
C SER A 103 4.20 -13.29 8.36
N LEU A 104 5.10 -12.32 8.49
CA LEU A 104 6.00 -11.96 7.42
C LEU A 104 7.25 -12.81 7.65
N THR A 105 8.07 -12.98 6.63
CA THR A 105 9.30 -13.73 6.77
C THR A 105 10.45 -12.75 6.50
N PRO A 106 11.56 -12.89 7.21
CA PRO A 106 12.71 -12.01 7.01
C PRO A 106 13.16 -11.93 5.55
N CYS A 107 13.79 -10.80 5.19
CA CYS A 107 14.27 -10.58 3.83
C CYS A 107 15.55 -11.35 3.57
N THR A 108 15.58 -12.06 2.45
CA THR A 108 16.73 -12.86 2.06
C THR A 108 17.22 -12.44 0.66
N CYS A 109 17.64 -11.19 0.53
CA CYS A 109 18.13 -10.68 -0.76
C CYS A 109 18.94 -9.41 -0.58
N GLY A 110 19.11 -9.00 0.67
CA GLY A 110 19.87 -7.79 0.98
C GLY A 110 19.55 -6.52 0.21
N SER A 111 18.29 -6.35 -0.21
CA SER A 111 17.87 -5.16 -0.96
C SER A 111 18.04 -3.88 -0.13
N SER A 112 18.50 -2.82 -0.77
CA SER A 112 18.68 -1.56 -0.10
C SER A 112 17.54 -0.61 -0.40
N ASP A 113 16.54 -1.11 -1.11
CA ASP A 113 15.37 -0.34 -1.44
C ASP A 113 14.23 -0.86 -0.58
N LEU A 114 13.99 -0.17 0.54
CA LEU A 114 12.97 -0.55 1.50
C LEU A 114 11.67 0.24 1.32
N TYR A 115 10.61 -0.28 1.94
CA TYR A 115 9.29 0.32 1.91
C TYR A 115 8.72 0.25 3.32
N LEU A 116 8.46 1.41 3.92
CA LEU A 116 7.89 1.49 5.27
C LEU A 116 6.37 1.53 5.19
N VAL A 117 5.69 0.66 5.94
CA VAL A 117 4.23 0.64 5.97
C VAL A 117 3.79 1.36 7.24
N THR A 118 3.09 2.49 7.07
CA THR A 118 2.62 3.28 8.19
C THR A 118 1.24 2.82 8.68
N ARG A 119 0.81 3.32 9.84
CA ARG A 119 -0.47 2.95 10.43
C ARG A 119 -1.67 3.35 9.60
N HIS A 120 -1.44 4.17 8.57
CA HIS A 120 -2.51 4.62 7.70
C HIS A 120 -2.55 3.74 6.46
N ALA A 121 -1.72 2.70 6.46
CA ALA A 121 -1.62 1.77 5.36
C ALA A 121 -0.96 2.36 4.12
N ASP A 122 0.00 3.26 4.35
CA ASP A 122 0.72 3.85 3.24
C ASP A 122 2.08 3.19 3.26
N VAL A 123 2.62 2.90 2.09
CA VAL A 123 3.94 2.31 2.03
C VAL A 123 4.80 3.38 1.37
N ILE A 124 5.77 3.89 2.12
CA ILE A 124 6.64 4.94 1.61
C ILE A 124 8.07 4.43 1.40
N PRO A 125 8.66 4.70 0.22
CA PRO A 125 10.03 4.26 -0.08
C PRO A 125 11.08 4.87 0.85
N VAL A 126 12.04 4.02 1.22
CA VAL A 126 13.14 4.38 2.10
C VAL A 126 14.40 3.75 1.50
N ARG A 127 15.47 4.54 1.35
CA ARG A 127 16.73 4.01 0.81
C ARG A 127 17.65 3.64 1.95
N ARG A 128 17.97 2.36 2.04
CA ARG A 128 18.83 1.87 3.11
C ARG A 128 20.18 2.58 3.03
N ARG A 129 20.61 3.11 4.16
CA ARG A 129 21.88 3.82 4.23
C ARG A 129 22.72 3.42 5.43
N GLY A 130 22.52 2.22 5.95
CA GLY A 130 23.34 1.83 7.08
C GLY A 130 22.86 0.77 8.07
N ASP A 131 22.38 -0.37 7.57
CA ASP A 131 21.96 -1.47 8.45
C ASP A 131 20.72 -1.19 9.31
N SER A 132 20.70 -0.04 9.97
CA SER A 132 19.58 0.36 10.81
C SER A 132 19.11 1.78 10.51
N ARG A 133 19.48 2.29 9.34
CA ARG A 133 19.10 3.63 8.89
C ARG A 133 18.72 3.59 7.44
N GLY A 134 17.85 4.49 7.06
CA GLY A 134 17.39 4.59 5.69
C GLY A 134 16.87 6.00 5.51
N SER A 135 17.01 6.55 4.33
CA SER A 135 16.53 7.90 4.10
C SER A 135 15.22 7.93 3.33
N LEU A 136 14.32 8.79 3.76
CA LEU A 136 13.03 8.94 3.11
C LEU A 136 13.21 9.62 1.77
N LEU A 137 12.83 8.92 0.70
CA LEU A 137 12.93 9.47 -0.65
C LEU A 137 11.98 10.65 -0.80
N SER A 138 10.94 10.66 0.04
CA SER A 138 9.95 11.74 0.05
C SER A 138 9.71 12.11 1.50
N PRO A 139 10.46 13.10 2.01
CA PRO A 139 10.33 13.56 3.40
C PRO A 139 8.86 13.82 3.73
N ARG A 140 8.46 13.46 4.94
CA ARG A 140 7.09 13.64 5.38
C ARG A 140 7.16 14.34 6.72
N PRO A 141 6.10 15.08 7.09
CA PRO A 141 6.15 15.73 8.40
C PRO A 141 6.17 14.65 9.48
N ILE A 142 6.83 14.93 10.59
CA ILE A 142 6.96 13.99 11.70
C ILE A 142 5.63 13.41 12.18
N SER A 143 4.59 14.24 12.19
CA SER A 143 3.25 13.85 12.61
C SER A 143 2.72 12.69 11.79
N TYR A 144 3.25 12.56 10.57
CA TYR A 144 2.85 11.50 9.67
C TYR A 144 3.41 10.14 10.09
N LEU A 145 4.61 10.13 10.66
CA LEU A 145 5.21 8.89 11.13
C LEU A 145 4.77 8.52 12.54
N LYS A 146 4.27 9.47 13.31
CA LYS A 146 3.85 9.16 14.67
C LYS A 146 2.79 8.09 14.66
N GLY A 147 2.95 7.15 15.59
CA GLY A 147 2.02 6.04 15.70
C GLY A 147 2.45 4.86 14.86
N SER A 148 3.51 4.99 14.07
CA SER A 148 3.96 3.89 13.24
C SER A 148 5.14 3.06 13.77
N SER A 149 5.59 3.35 15.00
CA SER A 149 6.70 2.58 15.60
C SER A 149 6.25 1.13 15.73
N GLY A 150 7.13 0.22 15.35
CA GLY A 150 6.78 -1.19 15.43
C GLY A 150 6.28 -1.66 14.09
N GLY A 151 6.08 -0.74 13.15
CA GLY A 151 5.62 -1.09 11.81
C GLY A 151 6.77 -1.70 11.00
N PRO A 152 6.48 -2.36 9.88
CA PRO A 152 7.56 -2.97 9.08
C PRO A 152 8.22 -2.17 7.97
N LEU A 153 9.47 -2.50 7.70
CA LEU A 153 10.27 -1.94 6.61
C LEU A 153 10.38 -3.18 5.73
N LEU A 154 9.78 -3.12 4.55
CA LEU A 154 9.75 -4.24 3.63
C LEU A 154 10.72 -4.11 2.45
N CYS A 155 11.19 -5.25 1.93
CA CYS A 155 12.05 -5.27 0.76
C CYS A 155 11.04 -5.43 -0.38
N PRO A 156 11.38 -5.02 -1.61
CA PRO A 156 10.44 -5.13 -2.75
C PRO A 156 9.63 -6.40 -2.91
N ALA A 157 10.05 -7.46 -2.25
CA ALA A 157 9.36 -8.74 -2.33
C ALA A 157 8.40 -8.96 -1.15
N GLY A 158 8.29 -7.96 -0.28
CA GLY A 158 7.41 -8.06 0.88
C GLY A 158 7.94 -8.83 2.08
N HIS A 159 9.24 -8.82 2.28
CA HIS A 159 9.83 -9.53 3.39
C HIS A 159 10.37 -8.54 4.39
N ALA A 160 10.18 -8.84 5.66
CA ALA A 160 10.60 -7.95 6.71
C ALA A 160 12.10 -7.74 6.78
N VAL A 161 12.50 -6.47 6.76
CA VAL A 161 13.90 -6.07 6.83
C VAL A 161 14.15 -5.45 8.21
N GLY A 162 13.17 -4.72 8.70
CA GLY A 162 13.29 -4.10 10.00
C GLY A 162 11.95 -3.59 10.50
N LEU A 163 11.94 -3.12 11.73
CA LEU A 163 10.77 -2.57 12.40
C LEU A 163 11.06 -1.08 12.63
N PHE A 164 10.20 -0.18 12.17
CA PHE A 164 10.38 1.27 12.34
C PHE A 164 10.59 1.65 13.82
N ARG A 165 11.64 2.41 14.11
CA ARG A 165 11.92 2.76 15.49
C ARG A 165 11.89 4.25 15.79
N ALA A 166 12.63 5.04 15.02
CA ALA A 166 12.70 6.49 15.25
C ALA A 166 12.79 7.31 13.99
N ALA A 167 12.30 8.55 14.09
CA ALA A 167 12.32 9.47 12.97
C ALA A 167 13.49 10.42 13.12
N VAL A 168 14.21 10.64 12.03
CA VAL A 168 15.35 11.56 12.00
C VAL A 168 14.80 12.83 11.37
N CYS A 169 14.23 13.68 12.20
CA CYS A 169 13.62 14.90 11.73
C CYS A 169 14.31 16.15 12.22
N THR A 170 13.99 17.25 11.56
CA THR A 170 14.52 18.58 11.86
C THR A 170 13.47 19.58 11.38
N ARG A 171 13.20 20.59 12.19
CA ARG A 171 12.23 21.62 11.83
C ARG A 171 10.85 20.99 11.63
N GLY A 172 10.70 19.77 12.11
CA GLY A 172 9.42 19.09 11.98
C GLY A 172 9.20 18.19 10.78
N VAL A 173 10.22 17.96 9.96
CA VAL A 173 10.06 17.08 8.80
C VAL A 173 11.07 15.96 8.94
N ALA A 174 10.63 14.73 8.67
CA ALA A 174 11.51 13.56 8.77
C ALA A 174 12.20 13.30 7.45
N LYS A 175 13.52 13.28 7.48
CA LYS A 175 14.31 13.03 6.28
C LYS A 175 14.70 11.56 6.28
N ALA A 176 14.95 11.00 7.47
CA ALA A 176 15.36 9.62 7.59
C ALA A 176 14.63 8.88 8.71
N VAL A 177 14.86 7.56 8.75
CA VAL A 177 14.25 6.70 9.76
C VAL A 177 15.23 5.67 10.29
N ASP A 178 15.16 5.44 11.59
CA ASP A 178 16.00 4.47 12.26
C ASP A 178 15.08 3.29 12.48
N PHE A 179 15.60 2.09 12.25
CA PHE A 179 14.81 0.89 12.41
C PHE A 179 15.60 -0.22 13.05
N ILE A 180 14.90 -1.20 13.59
CA ILE A 180 15.50 -2.37 14.21
C ILE A 180 15.54 -3.47 13.12
N PRO A 181 16.74 -3.80 12.60
CA PRO A 181 16.87 -4.84 11.57
C PRO A 181 16.50 -6.22 12.09
N VAL A 182 15.87 -7.05 11.24
CA VAL A 182 15.44 -8.39 11.66
C VAL A 182 16.49 -9.20 12.39
N GLU A 183 17.76 -8.95 12.06
CA GLU A 183 18.85 -9.67 12.68
C GLU A 183 18.81 -9.52 14.20
N ASN A 184 18.37 -8.37 14.68
CA ASN A 184 18.29 -8.15 16.13
C ASN A 184 17.16 -8.95 16.75
N LEU A 185 16.16 -9.28 15.94
CA LEU A 185 15.05 -10.09 16.43
C LEU A 185 15.64 -11.44 16.76
N GLU A 186 16.31 -12.03 15.79
CA GLU A 186 16.93 -13.33 15.99
C GLU A 186 17.88 -13.31 17.18
N THR A 187 18.59 -12.19 17.34
CA THR A 187 19.53 -12.04 18.44
C THR A 187 18.78 -11.97 19.77
N THR A 188 17.66 -11.26 19.79
CA THR A 188 16.85 -11.13 20.99
C THR A 188 16.25 -12.48 21.38
N MET A 189 15.88 -13.27 20.38
CA MET A 189 15.31 -14.60 20.61
C MET A 189 16.39 -15.52 21.14
N ARG A 190 17.58 -15.40 20.56
CA ARG A 190 18.73 -16.21 20.97
C ARG A 190 19.30 -15.71 22.30
N SER A 191 18.97 -14.48 22.69
CA SER A 191 19.46 -13.91 23.95
C SER A 191 18.38 -13.88 25.05
N LYS B 2 -0.73 -3.11 35.61
CA LYS B 2 -0.59 -2.24 34.39
C LYS B 2 -1.47 -2.85 33.31
N GLY B 3 -2.09 -2.00 32.49
CA GLY B 3 -2.97 -2.47 31.45
C GLY B 3 -2.31 -3.20 30.30
N SER B 4 -3.03 -4.17 29.75
CA SER B 4 -2.53 -4.92 28.61
C SER B 4 -2.51 -4.03 27.37
N VAL B 5 -1.71 -4.42 26.39
CA VAL B 5 -1.61 -3.73 25.11
C VAL B 5 -2.80 -4.31 24.34
N VAL B 6 -3.62 -3.43 23.76
CA VAL B 6 -4.80 -3.86 23.02
C VAL B 6 -4.72 -3.64 21.53
N ILE B 7 -5.10 -4.66 20.77
CA ILE B 7 -5.13 -4.57 19.30
C ILE B 7 -6.39 -3.76 18.94
N VAL B 8 -6.22 -2.60 18.31
CA VAL B 8 -7.36 -1.79 17.93
C VAL B 8 -7.60 -1.65 16.42
N GLY B 9 -6.86 -2.41 15.62
CA GLY B 9 -7.03 -2.37 14.18
C GLY B 9 -5.98 -3.24 13.53
N ARG B 10 -6.05 -3.39 12.21
CA ARG B 10 -5.05 -4.19 11.51
C ARG B 10 -4.73 -3.56 10.17
N ILE B 11 -3.51 -3.77 9.69
CA ILE B 11 -3.07 -3.26 8.39
C ILE B 11 -2.85 -4.58 7.64
N VAL B 12 -3.47 -4.76 6.48
CA VAL B 12 -3.32 -6.01 5.74
C VAL B 12 -2.52 -5.87 4.45
N LEU B 13 -1.37 -6.54 4.42
CA LEU B 13 -0.46 -6.53 3.29
C LEU B 13 -0.77 -7.62 2.26
N SER B 14 -1.44 -8.68 2.71
CA SER B 14 -1.77 -9.81 1.83
C SER B 14 -2.88 -9.62 0.81
N GLY B 15 -3.44 -8.42 0.71
CA GLY B 15 -4.50 -8.20 -0.24
C GLY B 15 -3.98 -7.90 -1.64
N LYS B 16 -4.72 -8.34 -2.64
CA LYS B 16 -4.37 -8.12 -4.03
C LYS B 16 -5.49 -7.32 -4.67
N PRO B 17 -5.20 -6.58 -5.75
CA PRO B 17 -6.21 -5.78 -6.44
C PRO B 17 -7.46 -6.61 -6.68
N ALA B 18 -8.62 -5.98 -6.53
CA ALA B 18 -9.87 -6.69 -6.72
C ALA B 18 -10.95 -5.75 -7.20
N ILE B 19 -11.85 -6.29 -8.01
CA ILE B 19 -12.97 -5.52 -8.52
C ILE B 19 -13.94 -5.47 -7.35
N ILE B 20 -14.17 -4.27 -6.83
CA ILE B 20 -15.08 -4.08 -5.70
C ILE B 20 -16.44 -4.64 -6.08
N PRO B 21 -16.89 -5.68 -5.37
CA PRO B 21 -18.20 -6.26 -5.68
C PRO B 21 -19.33 -5.27 -5.49
N LYS B 22 -20.23 -5.22 -6.46
CA LYS B 22 -21.35 -4.31 -6.37
C LYS B 22 -22.38 -4.89 -5.41
N LYS B 23 -22.54 -4.21 -4.28
CA LYS B 23 -23.51 -4.60 -3.25
C LYS B 23 -23.69 -3.45 -2.26
N GLN C 38 -17.82 3.34 2.54
CA GLN C 38 -17.62 2.05 1.83
C GLN C 38 -16.20 2.07 1.28
N VAL C 39 -15.73 0.92 0.78
CA VAL C 39 -14.38 0.82 0.22
C VAL C 39 -14.31 1.75 -1.00
N GLU C 40 -13.15 2.35 -1.22
CA GLU C 40 -12.96 3.24 -2.35
C GLU C 40 -11.95 2.63 -3.33
N GLY C 41 -12.19 2.80 -4.62
CA GLY C 41 -11.29 2.26 -5.62
C GLY C 41 -10.44 3.33 -6.28
N GLU C 42 -9.21 2.98 -6.65
CA GLU C 42 -8.32 3.94 -7.30
C GLU C 42 -8.53 3.87 -8.82
N VAL C 43 -8.84 2.67 -9.32
CA VAL C 43 -9.07 2.43 -10.73
C VAL C 43 -10.56 2.25 -11.00
N GLN C 44 -11.11 2.99 -11.96
CA GLN C 44 -12.52 2.87 -12.32
C GLN C 44 -12.65 2.18 -13.65
N ILE C 45 -13.53 1.20 -13.74
CA ILE C 45 -13.74 0.49 -15.00
C ILE C 45 -14.81 1.27 -15.76
N VAL C 46 -14.41 1.91 -16.85
CA VAL C 46 -15.32 2.74 -17.63
C VAL C 46 -15.59 2.25 -19.04
N SER C 47 -16.57 2.89 -19.68
CA SER C 47 -16.94 2.54 -21.03
C SER C 47 -17.79 3.59 -21.76
N THR C 48 -17.55 3.69 -23.05
CA THR C 48 -18.30 4.57 -23.94
C THR C 48 -19.22 3.62 -24.68
N ALA C 49 -20.08 4.14 -25.54
CA ALA C 49 -21.01 3.28 -26.29
C ALA C 49 -20.27 2.30 -27.17
N THR C 50 -19.08 2.68 -27.58
CA THR C 50 -18.27 1.87 -28.48
C THR C 50 -17.22 0.98 -27.81
N GLN C 51 -16.75 1.35 -26.62
CA GLN C 51 -15.70 0.57 -25.97
C GLN C 51 -15.63 0.69 -24.46
N THR C 52 -14.80 -0.17 -23.86
CA THR C 52 -14.59 -0.20 -22.43
C THR C 52 -13.10 -0.11 -22.18
N PHE C 53 -12.73 0.60 -21.14
CA PHE C 53 -11.34 0.78 -20.78
C PHE C 53 -11.26 1.13 -19.30
N LEU C 54 -10.13 1.65 -18.84
CA LEU C 54 -9.93 2.00 -17.43
C LEU C 54 -9.59 3.47 -17.22
N ALA C 55 -9.80 3.93 -15.99
CA ALA C 55 -9.45 5.28 -15.59
C ALA C 55 -8.72 5.08 -14.26
N THR C 56 -7.74 5.92 -13.97
CA THR C 56 -6.97 5.83 -12.74
C THR C 56 -6.98 7.18 -12.05
N CYS C 57 -7.37 7.22 -10.77
CA CYS C 57 -7.39 8.47 -10.04
C CYS C 57 -6.02 8.72 -9.46
N ILE C 58 -5.47 9.91 -9.72
CA ILE C 58 -4.16 10.32 -9.24
C ILE C 58 -4.26 11.82 -8.97
N ASN C 59 -3.78 12.22 -7.81
CA ASN C 59 -3.78 13.61 -7.40
C ASN C 59 -5.14 14.28 -7.54
N GLY C 60 -6.19 13.53 -7.24
CA GLY C 60 -7.54 14.06 -7.31
C GLY C 60 -8.18 14.17 -8.67
N VAL C 61 -7.54 13.57 -9.68
CA VAL C 61 -8.06 13.61 -11.02
C VAL C 61 -8.20 12.19 -11.52
N CYS C 62 -9.28 11.94 -12.26
CA CYS C 62 -9.58 10.64 -12.84
C CYS C 62 -9.03 10.69 -14.27
N TRP C 63 -7.85 10.12 -14.47
CA TRP C 63 -7.19 10.12 -15.77
C TRP C 63 -7.48 8.90 -16.60
N THR C 64 -7.48 9.07 -17.91
CA THR C 64 -7.66 7.96 -18.84
C THR C 64 -7.09 8.36 -20.20
N VAL C 65 -7.22 7.47 -21.18
CA VAL C 65 -6.69 7.73 -22.52
C VAL C 65 -7.62 8.47 -23.47
N TYR C 66 -7.06 9.47 -24.12
CA TYR C 66 -7.82 10.28 -25.08
C TYR C 66 -8.43 9.40 -26.17
N HIS C 67 -7.79 8.28 -26.46
CA HIS C 67 -8.31 7.41 -27.50
C HIS C 67 -9.50 6.55 -27.06
N GLY C 68 -9.93 6.71 -25.81
CA GLY C 68 -11.05 5.95 -25.31
C GLY C 68 -12.17 6.91 -24.96
N ALA C 69 -11.79 8.01 -24.32
CA ALA C 69 -12.74 9.02 -23.87
C ALA C 69 -12.96 10.16 -24.87
N GLY C 70 -11.91 10.54 -25.59
CA GLY C 70 -12.01 11.64 -26.52
C GLY C 70 -12.18 12.85 -25.63
N THR C 71 -13.18 13.66 -25.89
CA THR C 71 -13.45 14.83 -25.06
C THR C 71 -14.76 14.65 -24.31
N ARG C 72 -15.20 13.40 -24.20
CA ARG C 72 -16.45 13.07 -23.52
C ARG C 72 -16.50 13.48 -22.06
N THR C 73 -17.72 13.71 -21.58
CA THR C 73 -17.95 14.08 -20.20
C THR C 73 -18.11 12.78 -19.42
N ILE C 74 -17.84 12.80 -18.12
CA ILE C 74 -18.03 11.58 -17.32
C ILE C 74 -19.39 11.70 -16.65
N ALA C 75 -20.12 10.59 -16.61
CA ALA C 75 -21.45 10.60 -15.99
C ALA C 75 -21.35 10.89 -14.51
N SER C 76 -22.36 11.56 -13.96
CA SER C 76 -22.41 11.91 -12.55
C SER C 76 -23.88 11.88 -12.09
N PRO C 77 -24.12 11.62 -10.79
CA PRO C 77 -25.48 11.58 -10.25
C PRO C 77 -26.18 12.93 -10.40
N LYS C 78 -25.39 13.96 -10.67
CA LYS C 78 -25.92 15.30 -10.84
C LYS C 78 -25.75 15.76 -12.29
N GLY C 79 -25.53 14.81 -13.18
CA GLY C 79 -25.36 15.16 -14.58
C GLY C 79 -23.93 15.04 -15.01
N PRO C 80 -23.65 15.12 -16.31
CA PRO C 80 -22.30 15.03 -16.85
C PRO C 80 -21.35 16.09 -16.34
N VAL C 81 -20.09 15.73 -16.22
CA VAL C 81 -19.06 16.67 -15.77
C VAL C 81 -17.96 16.65 -16.83
N ILE C 82 -17.47 17.83 -17.19
CA ILE C 82 -16.44 17.96 -18.22
C ILE C 82 -15.03 17.75 -17.72
N GLN C 83 -14.17 17.38 -18.66
CA GLN C 83 -12.76 17.13 -18.38
C GLN C 83 -12.10 18.39 -17.87
N MET C 84 -11.15 18.21 -16.95
CA MET C 84 -10.40 19.32 -16.40
C MET C 84 -9.20 19.54 -17.31
N TYR C 85 -8.75 18.45 -17.92
CA TYR C 85 -7.60 18.49 -18.80
C TYR C 85 -7.85 17.55 -19.96
N THR C 86 -7.60 18.04 -21.17
CA THR C 86 -7.71 17.24 -22.38
C THR C 86 -6.35 17.48 -23.01
N ASN C 87 -5.70 16.42 -23.43
CA ASN C 87 -4.38 16.54 -24.01
C ASN C 87 -4.22 15.50 -25.10
N VAL C 88 -4.79 15.80 -26.25
CA VAL C 88 -4.75 14.92 -27.42
C VAL C 88 -3.31 14.50 -27.74
N ASP C 89 -2.39 15.45 -27.62
CA ASP C 89 -0.99 15.22 -27.93
C ASP C 89 -0.41 14.09 -27.10
N GLN C 90 -0.72 14.08 -25.81
CA GLN C 90 -0.20 13.05 -24.92
C GLN C 90 -1.14 11.90 -24.67
N ASP C 91 -2.28 11.90 -25.39
CA ASP C 91 -3.30 10.84 -25.29
C ASP C 91 -3.82 10.77 -23.84
N LEU C 92 -3.90 11.94 -23.21
CA LEU C 92 -4.31 12.03 -21.82
C LEU C 92 -5.49 12.97 -21.56
N VAL C 93 -6.47 12.48 -20.80
CA VAL C 93 -7.63 13.31 -20.42
C VAL C 93 -7.90 13.04 -18.94
N GLY C 94 -8.37 14.06 -18.23
CA GLY C 94 -8.67 13.90 -16.83
C GLY C 94 -9.89 14.68 -16.41
N TRP C 95 -10.71 14.07 -15.58
CA TRP C 95 -11.91 14.72 -15.06
C TRP C 95 -11.71 14.76 -13.54
N PRO C 96 -12.58 15.44 -12.80
CA PRO C 96 -12.39 15.45 -11.34
C PRO C 96 -12.64 14.01 -10.88
N ALA C 97 -11.88 13.54 -9.89
CA ALA C 97 -12.05 12.17 -9.41
C ALA C 97 -13.49 11.93 -9.03
N PRO C 98 -14.10 10.84 -9.54
CA PRO C 98 -15.50 10.51 -9.23
C PRO C 98 -15.66 10.03 -7.81
N GLN C 99 -16.89 9.98 -7.31
CA GLN C 99 -17.08 9.49 -5.96
C GLN C 99 -16.99 7.97 -5.96
N GLY C 100 -16.47 7.41 -4.87
CA GLY C 100 -16.29 5.97 -4.78
C GLY C 100 -14.85 5.67 -5.15
N SER C 101 -14.05 6.73 -5.29
CA SER C 101 -12.66 6.59 -5.65
C SER C 101 -11.75 7.21 -4.61
N ARG C 102 -10.48 6.79 -4.63
CA ARG C 102 -9.43 7.30 -3.76
C ARG C 102 -8.24 7.40 -4.69
N SER C 103 -7.48 8.48 -4.54
CA SER C 103 -6.34 8.71 -5.40
C SER C 103 -5.11 7.87 -5.11
N LEU C 104 -4.41 7.57 -6.20
CA LEU C 104 -3.20 6.79 -6.21
C LEU C 104 -2.04 7.80 -6.11
N THR C 105 -1.00 7.43 -5.37
CA THR C 105 0.14 8.31 -5.18
C THR C 105 1.20 8.09 -6.25
N PRO C 106 1.70 9.18 -6.85
CA PRO C 106 2.74 9.04 -7.89
C PRO C 106 4.04 8.43 -7.33
N CYS C 107 4.80 7.73 -8.17
CA CYS C 107 6.04 7.08 -7.72
C CYS C 107 7.17 8.03 -7.42
N THR C 108 7.97 7.68 -6.42
CA THR C 108 9.09 8.51 -6.00
C THR C 108 10.38 7.72 -5.73
N CYS C 109 10.44 6.47 -6.16
CA CYS C 109 11.62 5.64 -5.94
C CYS C 109 12.40 5.38 -7.21
N GLY C 110 11.81 5.78 -8.34
CA GLY C 110 12.44 5.58 -9.63
C GLY C 110 12.64 4.13 -10.05
N SER C 111 11.97 3.20 -9.39
CA SER C 111 12.12 1.79 -9.73
C SER C 111 11.67 1.44 -11.14
N SER C 112 12.26 0.38 -11.66
CA SER C 112 11.98 -0.10 -13.00
C SER C 112 11.16 -1.37 -13.02
N ASP C 113 10.85 -1.91 -11.85
CA ASP C 113 10.04 -3.11 -11.79
C ASP C 113 8.60 -2.69 -11.60
N LEU C 114 7.97 -2.39 -12.72
CA LEU C 114 6.58 -1.97 -12.76
C LEU C 114 5.64 -3.16 -12.65
N TYR C 115 4.36 -2.87 -12.44
CA TYR C 115 3.33 -3.89 -12.33
C TYR C 115 2.07 -3.28 -12.93
N LEU C 116 1.50 -3.96 -13.91
CA LEU C 116 0.31 -3.47 -14.57
C LEU C 116 -0.93 -4.19 -14.06
N VAL C 117 -1.96 -3.42 -13.72
CA VAL C 117 -3.22 -3.98 -13.23
C VAL C 117 -4.17 -3.91 -14.42
N THR C 118 -4.81 -5.03 -14.77
CA THR C 118 -5.71 -5.05 -15.90
C THR C 118 -7.14 -4.76 -15.48
N ARG C 119 -8.06 -4.72 -16.44
CA ARG C 119 -9.47 -4.47 -16.14
C ARG C 119 -10.10 -5.61 -15.35
N HIS C 120 -9.36 -6.71 -15.20
CA HIS C 120 -9.86 -7.85 -14.44
C HIS C 120 -9.08 -7.96 -13.15
N ALA C 121 -8.42 -6.86 -12.80
CA ALA C 121 -7.62 -6.78 -11.59
C ALA C 121 -6.44 -7.74 -11.62
N ASP C 122 -5.97 -8.07 -12.81
CA ASP C 122 -4.80 -8.97 -12.95
C ASP C 122 -3.57 -8.09 -12.86
N VAL C 123 -2.50 -8.61 -12.27
CA VAL C 123 -1.29 -7.84 -12.17
C VAL C 123 -0.25 -8.51 -13.06
N ILE C 124 0.46 -7.71 -13.85
CA ILE C 124 1.45 -8.20 -14.79
C ILE C 124 2.77 -7.51 -14.51
N PRO C 125 3.83 -8.25 -14.16
CA PRO C 125 5.10 -7.55 -13.90
C PRO C 125 5.66 -7.03 -15.23
N VAL C 126 6.18 -5.81 -15.21
CA VAL C 126 6.71 -5.20 -16.41
C VAL C 126 8.04 -4.54 -16.06
N ARG C 127 9.00 -4.65 -16.96
CA ARG C 127 10.31 -4.04 -16.75
C ARG C 127 10.40 -2.78 -17.56
N ARG C 128 10.61 -1.67 -16.87
CA ARG C 128 10.68 -0.39 -17.52
C ARG C 128 11.91 -0.30 -18.40
N ARG C 129 11.66 -0.14 -19.70
CA ARG C 129 12.73 -0.02 -20.67
C ARG C 129 13.06 1.45 -20.92
N GLY C 130 12.06 2.32 -20.86
CA GLY C 130 12.29 3.73 -21.07
C GLY C 130 11.11 4.56 -20.60
N ASP C 131 11.23 5.88 -20.70
CA ASP C 131 10.20 6.81 -20.29
C ASP C 131 8.77 6.36 -20.46
N SER C 132 8.46 5.75 -21.60
CA SER C 132 7.10 5.32 -21.85
C SER C 132 7.04 3.90 -22.37
N ARG C 133 8.06 3.12 -22.06
CA ARG C 133 8.11 1.74 -22.54
C ARG C 133 8.49 0.79 -21.42
N GLY C 134 7.97 -0.42 -21.50
CA GLY C 134 8.27 -1.44 -20.52
C GLY C 134 7.94 -2.76 -21.18
N SER C 135 8.63 -3.82 -20.80
CA SER C 135 8.38 -5.13 -21.39
C SER C 135 7.83 -6.15 -20.38
N LEU C 136 6.76 -6.85 -20.74
CA LEU C 136 6.19 -7.83 -19.83
C LEU C 136 7.27 -8.86 -19.47
N LEU C 137 7.32 -9.23 -18.19
CA LEU C 137 8.28 -10.22 -17.75
C LEU C 137 7.95 -11.54 -18.42
N SER C 138 6.70 -11.67 -18.84
CA SER C 138 6.20 -12.85 -19.54
C SER C 138 5.04 -12.37 -20.40
N PRO C 139 5.27 -12.24 -21.72
CA PRO C 139 4.26 -11.79 -22.69
C PRO C 139 2.96 -12.58 -22.65
N ARG C 140 1.87 -11.91 -22.98
CA ARG C 140 0.54 -12.52 -22.95
C ARG C 140 -0.24 -12.11 -24.20
N PRO C 141 -1.27 -12.89 -24.56
CA PRO C 141 -2.10 -12.59 -25.74
C PRO C 141 -2.69 -11.20 -25.57
N ILE C 142 -2.92 -10.50 -26.68
CA ILE C 142 -3.47 -9.15 -26.59
C ILE C 142 -4.83 -9.11 -25.88
N SER C 143 -5.58 -10.21 -25.94
CA SER C 143 -6.87 -10.30 -25.28
C SER C 143 -6.73 -10.06 -23.79
N TYR C 144 -5.62 -10.54 -23.23
CA TYR C 144 -5.34 -10.41 -21.81
C TYR C 144 -5.21 -8.96 -21.35
N LEU C 145 -4.73 -8.10 -22.24
CA LEU C 145 -4.57 -6.68 -21.90
C LEU C 145 -5.67 -5.83 -22.53
N LYS C 146 -6.60 -6.45 -23.23
CA LYS C 146 -7.69 -5.73 -23.87
C LYS C 146 -8.61 -5.08 -22.83
N GLY C 147 -8.94 -3.81 -23.08
CA GLY C 147 -9.83 -3.08 -22.18
C GLY C 147 -9.17 -2.46 -20.97
N SER C 148 -7.88 -2.74 -20.77
CA SER C 148 -7.15 -2.20 -19.62
C SER C 148 -6.47 -0.86 -19.86
N SER C 149 -6.54 -0.37 -21.10
CA SER C 149 -5.92 0.91 -21.44
C SER C 149 -6.48 1.98 -20.49
N GLY C 150 -5.61 2.80 -19.93
CA GLY C 150 -6.05 3.81 -18.99
C GLY C 150 -5.66 3.41 -17.56
N GLY C 151 -5.40 2.12 -17.37
CA GLY C 151 -5.01 1.58 -16.08
C GLY C 151 -3.65 2.07 -15.60
N PRO C 152 -3.24 1.70 -14.38
CA PRO C 152 -1.94 2.17 -13.89
C PRO C 152 -0.77 1.20 -14.01
N LEU C 153 0.43 1.76 -13.99
CA LEU C 153 1.66 0.98 -14.01
C LEU C 153 2.19 1.30 -12.62
N LEU C 154 2.06 0.36 -11.69
CA LEU C 154 2.51 0.53 -10.31
C LEU C 154 3.98 0.16 -10.09
N CYS C 155 4.59 0.73 -9.07
CA CYS C 155 5.96 0.39 -8.73
C CYS C 155 5.87 -0.58 -7.54
N PRO C 156 7.01 -1.08 -7.02
CA PRO C 156 6.98 -2.01 -5.89
C PRO C 156 6.24 -1.52 -4.65
N ALA C 157 6.03 -0.21 -4.57
CA ALA C 157 5.33 0.38 -3.42
C ALA C 157 3.87 0.63 -3.75
N GLY C 158 3.43 0.12 -4.90
CA GLY C 158 2.06 0.30 -5.33
C GLY C 158 1.74 1.71 -5.80
N HIS C 159 2.75 2.53 -6.03
CA HIS C 159 2.54 3.91 -6.49
C HIS C 159 2.49 4.00 -8.01
N ALA C 160 1.79 5.00 -8.52
CA ALA C 160 1.62 5.23 -9.94
C ALA C 160 2.91 5.64 -10.63
N VAL C 161 3.30 4.89 -11.65
CA VAL C 161 4.50 5.17 -12.44
C VAL C 161 4.06 5.79 -13.76
N GLY C 162 2.98 5.23 -14.30
CA GLY C 162 2.42 5.73 -15.54
C GLY C 162 1.04 5.15 -15.80
N LEU C 163 0.43 5.61 -16.88
CA LEU C 163 -0.90 5.18 -17.29
C LEU C 163 -0.75 4.32 -18.54
N PHE C 164 -1.26 3.08 -18.48
CA PHE C 164 -1.21 2.16 -19.62
C PHE C 164 -1.84 2.82 -20.84
N ARG C 165 -1.01 3.16 -21.82
CA ARG C 165 -1.49 3.82 -23.04
C ARG C 165 -1.90 2.84 -24.14
N ALA C 166 -1.01 1.91 -24.50
CA ALA C 166 -1.28 0.91 -25.53
C ALA C 166 -0.32 -0.28 -25.48
N ALA C 167 -0.80 -1.45 -25.86
CA ALA C 167 0.04 -2.63 -25.86
C ALA C 167 0.84 -2.64 -27.16
N VAL C 168 2.05 -3.19 -27.08
CA VAL C 168 2.94 -3.31 -28.22
C VAL C 168 3.09 -4.81 -28.44
N CYS C 169 2.31 -5.33 -29.38
CA CYS C 169 2.28 -6.77 -29.66
C CYS C 169 2.76 -7.26 -31.03
N THR C 170 3.61 -8.28 -30.99
CA THR C 170 4.13 -8.89 -32.19
C THR C 170 3.31 -10.14 -32.49
N ARG C 171 2.39 -10.04 -33.44
CA ARG C 171 1.54 -11.16 -33.83
C ARG C 171 0.50 -11.60 -32.80
N GLY C 172 -0.22 -10.65 -32.25
CA GLY C 172 -1.27 -10.98 -31.29
C GLY C 172 -0.83 -11.34 -29.88
N VAL C 173 0.47 -11.30 -29.62
CA VAL C 173 0.97 -11.60 -28.30
C VAL C 173 1.61 -10.33 -27.80
N ALA C 174 0.98 -9.72 -26.79
CA ALA C 174 1.48 -8.49 -26.20
C ALA C 174 2.79 -8.85 -25.49
N LYS C 175 3.87 -8.15 -25.85
CA LYS C 175 5.17 -8.40 -25.25
C LYS C 175 5.68 -7.21 -24.46
N ALA C 176 5.11 -6.05 -24.73
CA ALA C 176 5.50 -4.83 -24.03
C ALA C 176 4.35 -3.85 -24.06
N VAL C 177 4.53 -2.70 -23.40
CA VAL C 177 3.47 -1.70 -23.32
C VAL C 177 3.98 -0.27 -23.40
N ASP C 178 3.11 0.59 -23.89
CA ASP C 178 3.34 2.03 -24.05
C ASP C 178 2.64 2.65 -22.83
N PHE C 179 3.25 3.64 -22.19
CA PHE C 179 2.59 4.27 -21.03
C PHE C 179 2.93 5.74 -20.81
N ILE C 180 1.99 6.46 -20.21
CA ILE C 180 2.11 7.89 -19.90
C ILE C 180 2.70 8.06 -18.49
N PRO C 181 3.94 8.54 -18.37
CA PRO C 181 4.56 8.72 -17.04
C PRO C 181 3.74 9.68 -16.16
N VAL C 182 3.80 9.48 -14.85
CA VAL C 182 3.06 10.38 -13.95
C VAL C 182 3.46 11.81 -14.15
N GLU C 183 4.73 12.04 -14.50
CA GLU C 183 5.23 13.38 -14.72
C GLU C 183 4.38 14.14 -15.73
N ASN C 184 3.88 13.45 -16.74
CA ASN C 184 3.05 14.08 -17.76
C ASN C 184 1.76 14.53 -17.13
N LEU C 185 1.26 13.74 -16.19
CA LEU C 185 0.02 14.06 -15.48
C LEU C 185 0.31 15.22 -14.55
N GLU C 186 1.48 15.19 -13.90
CA GLU C 186 1.91 16.22 -12.97
C GLU C 186 2.20 17.51 -13.72
N THR C 187 2.60 17.39 -14.98
CA THR C 187 2.91 18.53 -15.83
C THR C 187 1.61 19.15 -16.33
N THR C 188 0.65 18.30 -16.68
CA THR C 188 -0.64 18.74 -17.19
C THR C 188 -1.47 19.46 -16.14
N MET C 189 -1.14 19.29 -14.88
CA MET C 189 -1.87 19.95 -13.80
C MET C 189 -1.32 21.35 -13.50
N GLY D 3 -22.47 11.36 -25.96
CA GLY D 3 -22.53 10.30 -24.91
C GLY D 3 -21.52 10.61 -23.84
N SER D 4 -21.67 9.98 -22.68
CA SER D 4 -20.75 10.20 -21.57
C SER D 4 -20.04 8.91 -21.22
N VAL D 5 -18.88 9.04 -20.61
CA VAL D 5 -18.12 7.89 -20.17
C VAL D 5 -18.78 7.56 -18.82
N VAL D 6 -19.35 6.37 -18.73
CA VAL D 6 -20.00 5.96 -17.49
C VAL D 6 -19.10 4.97 -16.75
N ILE D 7 -19.17 4.98 -15.42
CA ILE D 7 -18.36 4.08 -14.60
C ILE D 7 -19.16 2.81 -14.40
N VAL D 8 -18.60 1.70 -14.85
CA VAL D 8 -19.27 0.41 -14.75
C VAL D 8 -18.78 -0.49 -13.62
N GLY D 9 -17.67 -0.10 -13.00
CA GLY D 9 -17.13 -0.90 -11.91
C GLY D 9 -15.95 -0.17 -11.33
N ARG D 10 -15.36 -0.73 -10.28
CA ARG D 10 -14.20 -0.13 -9.64
C ARG D 10 -13.27 -1.22 -9.16
N ILE D 11 -11.99 -0.91 -9.09
CA ILE D 11 -10.96 -1.83 -8.62
C ILE D 11 -10.20 -1.22 -7.44
N VAL D 12 -10.11 -1.96 -6.34
CA VAL D 12 -9.38 -1.50 -5.16
C VAL D 12 -8.05 -2.21 -5.17
N LEU D 13 -6.96 -1.46 -5.23
CA LEU D 13 -5.66 -2.07 -5.30
C LEU D 13 -5.16 -2.86 -4.10
N SER D 14 -5.62 -2.53 -2.90
CA SER D 14 -5.18 -3.25 -1.71
C SER D 14 -6.02 -4.48 -1.44
N GLY D 15 -7.12 -4.61 -2.18
CA GLY D 15 -7.99 -5.77 -2.01
C GLY D 15 -8.91 -5.66 -0.81
N LYS D 16 -9.01 -4.46 -0.25
CA LYS D 16 -9.85 -4.17 0.91
C LYS D 16 -11.28 -4.63 0.71
N PRO D 17 -11.71 -5.62 1.50
CA PRO D 17 -13.06 -6.18 1.43
C PRO D 17 -14.11 -5.22 1.96
N ALA D 18 -13.74 -4.46 2.98
CA ALA D 18 -14.64 -3.49 3.60
C ALA D 18 -13.86 -2.61 4.60
ZN ZN E . 14.07 -9.53 0.33
C1 NHN F . 15.99 11.30 16.69
C2 NHN F . 17.26 10.70 17.29
C3 NHN F . 17.39 9.23 17.07
C4 NHN F . 17.02 8.33 18.06
C5 NHN F . 17.85 8.75 15.85
C6 NHN F . 17.11 6.95 17.85
C7 NHN F . 17.96 7.39 15.64
C8 NHN F . 17.58 6.50 16.63
C9 NHN F . 14.80 11.06 17.62
O10 NHN F . 14.96 11.01 18.84
O11 NHN F . 16.74 5.99 18.83
C12 NHN F . 16.27 6.57 20.03
C13 NHN F . 14.79 6.70 19.74
O14 NHN F . 14.24 7.43 20.77
N15 NHN F . 13.63 10.91 17.04
C16 NHN F . 12.41 10.83 17.83
C17 NHN F . 11.34 11.78 17.30
C18 NHN F . 10.06 11.68 18.14
C19 NHN F . 11.80 13.23 17.33
C20 NHN F . 8.97 12.59 17.63
C21 NHN F . 10.75 14.17 16.79
C22 NHN F . 9.45 14.04 17.57
C23 NHN F . 11.84 9.43 17.78
O24 NHN F . 11.44 8.96 16.72
N25 NHN F . 11.85 8.71 18.91
C26 NHN F . 12.63 9.02 20.11
C27 NHN F . 11.31 7.37 18.94
C28 NHN F . 11.65 6.89 20.34
C29 NHN F . 12.89 7.63 20.54
C30 NHN F . 9.80 7.47 18.77
O31 NHN F . 9.13 8.20 19.49
N32 NHN F . 9.28 6.74 17.78
C33 NHN F . 7.86 6.73 17.47
C34 NHN F . 7.62 7.27 16.04
C35 NHN F . 8.42 8.53 15.70
C36 NHN F . 7.76 9.50 14.80
O37 NHN F . 7.70 4.80 18.99
C38 NHN F . 7.21 5.36 17.75
O39 NHN F . 4.95 5.60 16.78
N40 NHN F . 5.26 5.83 18.99
C41 NHN F . 3.85 5.90 19.32
C42 NHN F . 3.33 7.30 19.12
O43 NHN F . 4.03 8.18 18.61
C44 NHN F . 5.70 5.60 17.76
N45 NHN F . 2.08 7.50 19.51
C46 NHN F . 1.42 8.77 19.44
C47 NHN F . 0.69 9.07 18.15
C48 NHN F . 0.79 10.34 17.60
C49 NHN F . -0.11 8.13 17.53
C50 NHN F . 0.09 10.67 16.47
C51 NHN F . -0.82 8.46 16.39
C52 NHN F . -0.72 9.73 15.85
C53 NHN F . 0.26 8.65 20.42
O54 NHN F . -0.34 7.58 20.55
N55 NHN F . -0.07 9.76 21.11
C56 NHN F . -1.17 9.69 21.98
C57 NHN F . 0.65 10.94 20.97
ZN ZN G . 7.90 3.97 -6.26
#